data_9RQ2
#
_entry.id   9RQ2
#
_cell.length_a   68.070
_cell.length_b   89.793
_cell.length_c   44.932
_cell.angle_alpha   90.000
_cell.angle_beta   90.000
_cell.angle_gamma   90.000
#
_symmetry.space_group_name_H-M   'P 21 21 2'
#
loop_
_entity.id
_entity.type
_entity.pdbx_description
1 polymer 'FosA family fosfomycin resistance glutathione transferase'
2 non-polymer 1,2-ETHANEDIOL
3 non-polymer 'MANGANESE (II) ION'
4 non-polymer 6-methoxy-3,4-dihydro-2~{H}-1,4-benzoxazine
5 non-polymer 'DIMETHYL SULFOXIDE'
6 water water
#
_entity_poly.entity_id   1
_entity_poly.type   'polypeptide(L)'
_entity_poly.pdbx_seq_one_letter_code
;MLSGLNHLTLAVSQLAPSVAFYQQLLGMTLHARWDSGAYLSCGDLWLCLSLDPQRRVTPPEESDYTHYAFSISEADFASF
AARLEAAGVAVWKLNRSEGASHYFLDPDGHKLELHVGSLAQRLAACREQPYKGMVFFEQHHHHHH
;
_entity_poly.pdbx_strand_id   A,B
#
# COMPACT_ATOMS: atom_id res chain seq x y z
N MET A 1 -10.45 -8.03 -15.01
CA MET A 1 -10.30 -6.69 -14.38
C MET A 1 -9.31 -6.78 -13.22
N LEU A 2 -9.12 -5.67 -12.50
CA LEU A 2 -8.28 -5.71 -11.31
C LEU A 2 -9.10 -6.28 -10.16
N SER A 3 -8.44 -7.10 -9.33
N SER A 3 -8.45 -7.12 -9.35
CA SER A 3 -9.16 -7.87 -8.33
CA SER A 3 -9.12 -7.68 -8.19
C SER A 3 -8.70 -7.63 -6.90
C SER A 3 -8.12 -7.74 -7.04
N GLY A 4 -7.74 -6.76 -6.66
N GLY A 4 -8.09 -6.68 -6.26
CA GLY A 4 -7.30 -6.47 -5.31
CA GLY A 4 -7.33 -6.66 -5.05
C GLY A 4 -5.85 -6.06 -5.32
C GLY A 4 -5.89 -6.24 -5.24
N LEU A 5 -5.26 -5.99 -4.12
CA LEU A 5 -3.85 -5.67 -4.01
C LEU A 5 -3.08 -6.99 -4.08
N ASN A 6 -2.22 -7.10 -5.07
CA ASN A 6 -1.37 -8.27 -5.20
C ASN A 6 -0.26 -8.25 -4.15
N HIS A 7 0.41 -7.10 -4.00
CA HIS A 7 1.44 -6.94 -2.98
C HIS A 7 1.69 -5.47 -2.73
N LEU A 8 2.21 -5.19 -1.54
CA LEU A 8 2.72 -3.89 -1.12
C LEU A 8 4.23 -4.01 -1.01
N THR A 9 4.95 -3.15 -1.71
CA THR A 9 6.41 -3.11 -1.60
C THR A 9 6.83 -1.80 -0.98
N LEU A 10 7.57 -1.89 0.12
CA LEU A 10 8.12 -0.72 0.79
C LEU A 10 9.62 -0.69 0.56
N ALA A 11 10.12 0.43 0.07
CA ALA A 11 11.55 0.66 -0.01
C ALA A 11 12.08 0.94 1.39
N VAL A 12 13.18 0.30 1.74
CA VAL A 12 13.77 0.45 3.06
C VAL A 12 15.24 0.82 2.92
N SER A 13 15.74 1.59 3.87
CA SER A 13 17.14 2.01 3.82
C SER A 13 18.08 1.02 4.50
N GLN A 14 17.60 0.28 5.51
CA GLN A 14 18.39 -0.71 6.21
C GLN A 14 17.50 -1.94 6.40
N LEU A 15 17.90 -3.05 5.78
CA LEU A 15 17.01 -4.20 5.70
C LEU A 15 16.76 -4.81 7.07
N ALA A 16 17.81 -5.03 7.85
CA ALA A 16 17.65 -5.76 9.10
C ALA A 16 16.70 -5.06 10.08
N PRO A 17 16.84 -3.76 10.35
N PRO A 17 16.88 -3.77 10.40
CA PRO A 17 15.89 -3.13 11.28
CA PRO A 17 15.89 -3.11 11.26
C PRO A 17 14.47 -3.11 10.73
C PRO A 17 14.48 -3.16 10.71
N SER A 18 14.31 -3.05 9.42
N SER A 18 14.32 -3.05 9.40
CA SER A 18 12.97 -3.09 8.87
CA SER A 18 12.99 -3.09 8.81
C SER A 18 12.35 -4.47 9.00
C SER A 18 12.35 -4.45 8.99
N VAL A 19 13.10 -5.52 8.71
CA VAL A 19 12.58 -6.87 8.94
C VAL A 19 12.19 -7.04 10.40
N ALA A 20 13.05 -6.57 11.31
CA ALA A 20 12.75 -6.70 12.74
C ALA A 20 11.46 -5.98 13.09
N PHE A 21 11.27 -4.79 12.53
CA PHE A 21 10.06 -4.02 12.83
C PHE A 21 8.81 -4.77 12.40
N TYR A 22 8.78 -5.24 11.15
CA TYR A 22 7.55 -5.86 10.65
C TYR A 22 7.34 -7.26 11.22
N GLN A 23 8.41 -8.03 11.41
CA GLN A 23 8.28 -9.38 11.93
C GLN A 23 8.19 -9.39 13.46
N GLN A 24 9.21 -8.84 14.13
CA GLN A 24 9.23 -8.94 15.59
C GLN A 24 8.22 -8.02 16.25
N LEU A 25 8.20 -6.75 15.84
CA LEU A 25 7.38 -5.80 16.57
C LEU A 25 5.92 -5.87 16.14
N LEU A 26 5.66 -5.96 14.83
CA LEU A 26 4.29 -6.00 14.34
C LEU A 26 3.74 -7.42 14.23
N GLY A 27 4.58 -8.45 14.32
CA GLY A 27 4.08 -9.82 14.33
C GLY A 27 3.76 -10.42 12.99
N MET A 28 4.22 -9.81 11.91
CA MET A 28 3.98 -10.40 10.60
C MET A 28 4.85 -11.63 10.41
N THR A 29 4.47 -12.45 9.44
CA THR A 29 5.15 -13.71 9.19
C THR A 29 6.24 -13.52 8.16
N LEU A 30 7.47 -13.84 8.54
CA LEU A 30 8.61 -13.76 7.62
C LEU A 30 8.74 -15.07 6.86
N HIS A 31 8.68 -14.99 5.53
CA HIS A 31 8.80 -16.18 4.68
C HIS A 31 10.19 -16.35 4.09
N ALA A 32 10.86 -15.27 3.75
CA ALA A 32 12.18 -15.36 3.13
C ALA A 32 12.84 -14.01 3.26
N ARG A 33 14.18 -14.03 3.27
N ARG A 33 14.16 -14.02 3.33
CA ARG A 33 15.02 -12.84 3.37
CA ARG A 33 14.93 -12.80 3.21
C ARG A 33 16.28 -13.08 2.56
C ARG A 33 16.16 -13.12 2.38
N TRP A 34 16.72 -12.07 1.79
CA TRP A 34 17.94 -12.17 1.01
C TRP A 34 18.73 -10.88 1.17
N ASP A 35 19.83 -10.76 0.44
CA ASP A 35 20.70 -9.63 0.73
C ASP A 35 20.03 -8.29 0.47
N SER A 36 19.01 -8.26 -0.40
N SER A 36 19.02 -8.23 -0.39
CA SER A 36 18.39 -7.00 -0.82
CA SER A 36 18.40 -6.95 -0.71
C SER A 36 16.89 -6.92 -0.53
C SER A 36 16.88 -6.95 -0.56
N GLY A 37 16.33 -7.85 0.24
CA GLY A 37 14.90 -7.75 0.51
C GLY A 37 14.39 -8.84 1.41
N ALA A 38 13.08 -8.79 1.63
CA ALA A 38 12.39 -9.81 2.40
C ALA A 38 10.95 -9.89 1.96
N TYR A 39 10.37 -11.08 2.11
CA TYR A 39 8.95 -11.30 1.88
C TYR A 39 8.28 -11.69 3.19
N LEU A 40 7.21 -10.98 3.52
CA LEU A 40 6.41 -11.26 4.71
C LEU A 40 4.94 -11.36 4.30
N SER A 41 4.14 -11.94 5.17
CA SER A 41 2.70 -11.87 4.99
C SER A 41 2.04 -11.40 6.28
N CYS A 42 0.90 -10.77 6.10
CA CYS A 42 0.06 -10.29 7.20
C CYS A 42 -1.34 -10.70 6.79
N GLY A 43 -1.83 -11.81 7.32
CA GLY A 43 -3.05 -12.39 6.77
C GLY A 43 -2.83 -12.66 5.30
N ASP A 44 -3.73 -12.15 4.47
N ASP A 44 -3.73 -12.14 4.48
CA ASP A 44 -3.61 -12.35 3.02
CA ASP A 44 -3.66 -12.31 3.03
C ASP A 44 -2.65 -11.36 2.37
C ASP A 44 -2.76 -11.29 2.35
N LEU A 45 -2.19 -10.32 3.08
CA LEU A 45 -1.29 -9.35 2.46
C LEU A 45 0.10 -9.92 2.24
N TRP A 46 0.59 -9.76 1.01
CA TRP A 46 1.99 -10.00 0.66
C TRP A 46 2.71 -8.68 0.76
N LEU A 47 3.64 -8.60 1.71
CA LEU A 47 4.48 -7.43 1.93
C LEU A 47 5.90 -7.74 1.48
N CYS A 48 6.46 -6.87 0.67
N CYS A 48 6.45 -6.91 0.62
CA CYS A 48 7.85 -6.96 0.23
CA CYS A 48 7.85 -6.98 0.26
C CYS A 48 8.62 -5.78 0.78
C CYS A 48 8.58 -5.79 0.86
N LEU A 49 9.71 -6.04 1.49
CA LEU A 49 10.64 -5.01 1.91
C LEU A 49 11.80 -5.06 0.92
N SER A 50 12.08 -3.94 0.28
CA SER A 50 13.10 -3.88 -0.77
C SER A 50 14.17 -2.88 -0.38
N LEU A 51 15.40 -3.38 -0.21
CA LEU A 51 16.50 -2.48 0.13
C LEU A 51 16.75 -1.53 -1.03
N ASP A 52 16.69 -0.24 -0.75
CA ASP A 52 16.79 0.74 -1.81
C ASP A 52 17.72 1.86 -1.33
N PRO A 53 18.89 2.03 -1.97
CA PRO A 53 19.76 3.16 -1.57
C PRO A 53 19.13 4.53 -1.71
N GLN A 54 18.03 4.64 -2.47
N GLN A 54 18.03 4.64 -2.46
CA GLN A 54 17.33 5.90 -2.62
CA GLN A 54 17.35 5.92 -2.61
C GLN A 54 16.39 6.20 -1.45
C GLN A 54 16.29 6.16 -1.54
N ARG A 55 16.02 5.20 -0.66
CA ARG A 55 15.10 5.44 0.45
C ARG A 55 15.74 6.33 1.51
N ARG A 56 15.04 7.39 1.88
CA ARG A 56 15.47 8.26 2.95
C ARG A 56 14.57 8.10 4.14
N VAL A 57 15.17 8.22 5.32
CA VAL A 57 14.39 8.29 6.56
C VAL A 57 13.70 9.64 6.56
N THR A 58 12.37 9.63 6.52
CA THR A 58 11.62 10.83 6.21
C THR A 58 10.73 11.25 7.37
N PRO A 59 10.94 12.43 7.94
CA PRO A 59 10.05 12.88 9.01
C PRO A 59 8.65 13.07 8.48
N PRO A 60 7.64 12.87 9.33
CA PRO A 60 6.25 12.87 8.84
C PRO A 60 5.79 14.22 8.34
N GLU A 61 6.39 15.32 8.79
CA GLU A 61 6.04 16.63 8.27
C GLU A 61 6.57 16.87 6.86
N GLU A 62 7.45 16.00 6.38
N GLU A 62 7.47 16.00 6.38
CA GLU A 62 8.04 16.16 5.04
CA GLU A 62 8.06 16.12 5.05
C GLU A 62 7.57 15.06 4.09
C GLU A 62 7.37 15.24 4.03
N SER A 63 6.55 14.30 4.46
CA SER A 63 5.84 13.44 3.53
C SER A 63 4.35 13.75 3.51
N ASP A 64 3.71 13.38 2.40
CA ASP A 64 2.28 13.56 2.25
C ASP A 64 1.52 12.49 3.03
N TYR A 65 0.20 12.51 2.89
CA TYR A 65 -0.70 11.67 3.69
C TYR A 65 -0.78 10.23 3.22
N THR A 66 -0.05 9.82 2.19
CA THR A 66 -0.07 8.42 1.76
C THR A 66 0.27 7.52 2.94
N HIS A 67 -0.54 6.49 3.17
CA HIS A 67 -0.32 5.65 4.34
C HIS A 67 -0.96 4.28 4.15
N TYR A 68 -0.54 3.34 5.01
CA TYR A 68 -0.88 1.93 4.91
C TYR A 68 -1.47 1.51 6.24
N ALA A 69 -2.71 1.07 6.23
CA ALA A 69 -3.40 0.68 7.44
C ALA A 69 -3.56 -0.83 7.50
N PHE A 70 -3.32 -1.39 8.69
CA PHE A 70 -3.43 -2.81 8.96
C PHE A 70 -4.64 -3.07 9.86
N SER A 71 -5.34 -4.15 9.58
CA SER A 71 -6.52 -4.50 10.34
C SER A 71 -6.16 -5.14 11.66
N ILE A 72 -6.92 -4.76 12.70
CA ILE A 72 -6.81 -5.36 14.02
C ILE A 72 -8.20 -5.38 14.63
N SER A 73 -8.43 -6.37 15.49
CA SER A 73 -9.74 -6.51 16.11
C SER A 73 -9.94 -5.45 17.19
N GLU A 74 -11.21 -5.21 17.49
CA GLU A 74 -11.54 -4.29 18.58
C GLU A 74 -10.94 -4.77 19.90
N ALA A 75 -10.89 -6.09 20.12
CA ALA A 75 -10.36 -6.62 21.37
C ALA A 75 -8.86 -6.41 21.49
N ASP A 76 -8.12 -6.40 20.38
CA ASP A 76 -6.66 -6.32 20.41
C ASP A 76 -6.13 -4.90 20.22
N PHE A 77 -6.95 -3.98 19.73
CA PHE A 77 -6.47 -2.68 19.26
C PHE A 77 -5.69 -1.92 20.34
N ALA A 78 -6.32 -1.69 21.50
CA ALA A 78 -5.74 -0.77 22.46
C ALA A 78 -4.43 -1.29 23.02
N SER A 79 -4.35 -2.60 23.31
N SER A 79 -4.37 -2.59 23.33
CA SER A 79 -3.12 -3.10 23.90
CA SER A 79 -3.15 -3.16 23.88
C SER A 79 -1.98 -3.12 22.89
C SER A 79 -2.00 -3.07 22.88
N PHE A 80 -2.29 -3.34 21.61
CA PHE A 80 -1.27 -3.31 20.57
C PHE A 80 -0.75 -1.88 20.41
N ALA A 81 -1.66 -0.91 20.33
CA ALA A 81 -1.24 0.49 20.26
C ALA A 81 -0.39 0.87 21.46
N ALA A 82 -0.79 0.44 22.66
CA ALA A 82 -0.04 0.83 23.86
C ALA A 82 1.33 0.19 23.88
N ARG A 83 1.43 -1.03 23.36
CA ARG A 83 2.74 -1.69 23.27
C ARG A 83 3.66 -0.95 22.32
N LEU A 84 3.14 -0.51 21.17
CA LEU A 84 3.96 0.29 20.25
C LEU A 84 4.42 1.58 20.93
N GLU A 85 3.50 2.24 21.66
CA GLU A 85 3.86 3.47 22.36
C GLU A 85 4.96 3.21 23.38
N ALA A 86 4.81 2.14 24.16
CA ALA A 86 5.79 1.86 25.20
C ALA A 86 7.13 1.48 24.58
N ALA A 87 7.12 0.92 23.38
CA ALA A 87 8.35 0.57 22.68
C ALA A 87 9.01 1.78 22.02
N GLY A 88 8.42 2.97 22.12
CA GLY A 88 9.03 4.16 21.59
C GLY A 88 8.78 4.40 20.11
N VAL A 89 7.80 3.71 19.53
CA VAL A 89 7.50 3.89 18.11
C VAL A 89 6.93 5.29 17.88
N ALA A 90 7.53 6.01 16.92
CA ALA A 90 7.14 7.38 16.63
C ALA A 90 5.75 7.43 15.99
N VAL A 91 5.10 8.56 16.15
N VAL A 91 5.08 8.56 16.17
CA VAL A 91 3.75 8.73 15.65
CA VAL A 91 3.68 8.74 15.78
C VAL A 91 3.73 9.82 14.61
C VAL A 91 3.55 9.98 14.90
N TRP A 92 2.56 9.97 14.01
CA TRP A 92 2.41 11.00 13.01
C TRP A 92 1.02 11.61 13.03
N LYS A 93 0.07 11.03 13.78
CA LYS A 93 -1.25 11.64 13.80
C LYS A 93 -1.99 11.19 15.05
N LEU A 94 -2.77 12.11 15.62
CA LEU A 94 -3.49 11.85 16.85
C LEU A 94 -5.00 11.91 16.70
N ASN A 95 -5.51 12.81 15.86
CA ASN A 95 -6.94 13.00 15.72
C ASN A 95 -7.56 11.87 14.91
N ARG A 96 -8.57 11.22 15.47
CA ARG A 96 -9.24 10.07 14.85
C ARG A 96 -10.30 10.60 13.91
N SER A 97 -9.88 10.89 12.68
CA SER A 97 -10.76 11.42 11.65
C SER A 97 -11.41 10.34 10.80
N GLU A 98 -11.03 9.08 10.99
CA GLU A 98 -11.59 7.99 10.19
C GLU A 98 -11.83 6.77 11.08
N GLY A 99 -12.31 6.99 12.29
CA GLY A 99 -12.64 5.91 13.21
C GLY A 99 -11.52 5.57 14.17
N ALA A 100 -11.57 4.32 14.65
CA ALA A 100 -10.64 3.85 15.67
C ALA A 100 -9.33 3.48 15.00
N SER A 101 -8.33 4.35 15.12
CA SER A 101 -7.06 4.22 14.43
C SER A 101 -5.93 4.69 15.33
N HIS A 102 -4.77 4.05 15.17
CA HIS A 102 -3.52 4.46 15.79
C HIS A 102 -2.51 4.68 14.67
N TYR A 103 -1.90 5.86 14.63
CA TYR A 103 -1.01 6.26 13.53
C TYR A 103 0.43 6.24 13.99
N PHE A 104 1.26 5.46 13.31
CA PHE A 104 2.64 5.27 13.72
C PHE A 104 3.54 5.16 12.51
N LEU A 105 4.85 5.31 12.74
CA LEU A 105 5.85 5.35 11.70
C LEU A 105 6.75 4.12 11.76
N ASP A 106 7.15 3.64 10.59
CA ASP A 106 8.19 2.60 10.50
C ASP A 106 9.55 3.26 10.57
N PRO A 107 10.62 2.46 10.59
CA PRO A 107 11.97 3.03 10.77
C PRO A 107 12.37 4.05 9.72
N ASP A 108 11.83 3.95 8.52
CA ASP A 108 12.12 4.91 7.46
C ASP A 108 11.10 6.03 7.36
N GLY A 109 10.13 6.07 8.26
CA GLY A 109 9.08 7.05 8.19
C GLY A 109 7.92 6.68 7.30
N HIS A 110 7.83 5.44 6.81
CA HIS A 110 6.59 5.06 6.16
C HIS A 110 5.44 5.24 7.15
N LYS A 111 4.36 5.85 6.69
CA LYS A 111 3.21 6.12 7.52
C LYS A 111 2.30 4.91 7.59
N LEU A 112 2.17 4.37 8.79
CA LEU A 112 1.38 3.18 9.06
C LEU A 112 0.21 3.53 9.98
N GLU A 113 -0.72 2.59 10.08
CA GLU A 113 -1.92 2.78 10.88
C GLU A 113 -2.43 1.41 11.33
N LEU A 114 -2.92 1.34 12.56
CA LEU A 114 -3.77 0.25 13.01
C LEU A 114 -5.20 0.75 12.92
N HIS A 115 -6.10 0.00 12.29
CA HIS A 115 -7.48 0.42 12.19
C HIS A 115 -8.43 -0.73 12.50
N VAL A 116 -9.49 -0.41 13.26
CA VAL A 116 -10.58 -1.34 13.54
C VAL A 116 -11.74 -0.99 12.62
N GLY A 117 -12.12 -1.91 11.75
CA GLY A 117 -13.33 -1.74 10.98
C GLY A 117 -13.12 -1.86 9.48
N SER A 118 -14.17 -2.26 8.77
CA SER A 118 -14.19 -2.45 7.34
C SER A 118 -14.63 -1.18 6.62
N LEU A 119 -14.53 -1.20 5.30
CA LEU A 119 -15.07 -0.11 4.49
C LEU A 119 -16.57 0.03 4.69
N ALA A 120 -17.31 -1.08 4.73
CA ALA A 120 -18.74 -0.99 4.97
C ALA A 120 -19.04 -0.30 6.28
N GLN A 121 -18.29 -0.65 7.34
CA GLN A 121 -18.51 -0.02 8.63
C GLN A 121 -18.16 1.46 8.58
N ARG A 122 -17.11 1.82 7.83
N ARG A 122 -17.07 1.79 7.87
CA ARG A 122 -16.75 3.23 7.74
CA ARG A 122 -16.71 3.20 7.68
C ARG A 122 -17.79 4.03 6.97
C ARG A 122 -17.84 3.96 7.02
N LEU A 123 -18.38 3.42 5.93
CA LEU A 123 -19.43 4.11 5.19
C LEU A 123 -20.65 4.32 6.07
N ALA A 124 -21.01 3.30 6.85
CA ALA A 124 -22.14 3.44 7.76
C ALA A 124 -21.88 4.53 8.79
N ALA A 125 -20.66 4.59 9.34
CA ALA A 125 -20.37 5.65 10.30
C ALA A 125 -20.41 7.03 9.63
N CYS A 126 -19.95 7.11 8.38
CA CYS A 126 -19.92 8.39 7.69
C CYS A 126 -21.31 8.89 7.35
N ARG A 127 -22.26 7.99 7.12
CA ARG A 127 -23.63 8.44 6.92
C ARG A 127 -24.14 9.26 8.10
N GLU A 128 -23.71 8.90 9.32
CA GLU A 128 -24.15 9.62 10.51
C GLU A 128 -23.31 10.86 10.78
N GLN A 129 -22.03 10.79 10.44
CA GLN A 129 -21.06 11.85 10.70
C GLN A 129 -20.25 11.99 9.43
N PRO A 130 -20.86 12.55 8.40
CA PRO A 130 -20.21 12.57 7.09
C PRO A 130 -19.10 13.60 7.01
N TYR A 131 -18.18 13.34 6.11
N TYR A 131 -18.16 13.33 6.11
CA TYR A 131 -17.18 14.35 5.76
CA TYR A 131 -17.22 14.35 5.72
C TYR A 131 -17.85 15.41 4.89
C TYR A 131 -17.97 15.49 5.03
N LYS A 132 -17.32 16.64 4.94
CA LYS A 132 -17.92 17.76 4.23
C LYS A 132 -18.12 17.46 2.75
N GLY A 133 -19.36 17.65 2.27
CA GLY A 133 -19.66 17.44 0.88
C GLY A 133 -19.82 15.99 0.47
N MET A 134 -19.99 15.09 1.42
CA MET A 134 -19.95 13.66 1.10
C MET A 134 -21.19 13.21 0.34
N VAL A 135 -20.94 12.41 -0.69
N VAL A 135 -20.96 12.41 -0.69
CA VAL A 135 -21.96 11.73 -1.49
CA VAL A 135 -22.00 11.74 -1.46
C VAL A 135 -21.66 10.25 -1.46
C VAL A 135 -21.68 10.26 -1.48
N PHE A 136 -22.72 9.45 -1.37
CA PHE A 136 -22.60 7.99 -1.35
C PHE A 136 -23.18 7.45 -2.65
N PHE A 137 -22.48 6.48 -3.22
CA PHE A 137 -22.92 5.85 -4.46
C PHE A 137 -23.39 4.43 -4.19
N MET B 1 -3.11 -8.84 17.29
CA MET B 1 -2.59 -9.49 16.05
C MET B 1 -3.14 -8.81 14.81
N LEU B 2 -2.29 -8.52 13.85
CA LEU B 2 -2.73 -7.87 12.61
C LEU B 2 -3.23 -8.94 11.65
N SER B 3 -4.35 -8.67 10.99
CA SER B 3 -5.01 -9.68 10.19
C SER B 3 -4.98 -9.42 8.69
N GLY B 4 -4.41 -8.32 8.25
CA GLY B 4 -4.37 -8.01 6.83
C GLY B 4 -4.17 -6.53 6.61
N LEU B 5 -4.17 -6.16 5.34
CA LEU B 5 -4.22 -4.74 4.97
C LEU B 5 -5.65 -4.25 5.12
N ASN B 6 -5.84 -3.23 5.94
CA ASN B 6 -7.15 -2.64 6.13
C ASN B 6 -7.49 -1.68 4.99
N HIS B 7 -6.59 -0.74 4.68
CA HIS B 7 -6.80 0.15 3.55
C HIS B 7 -5.46 0.73 3.12
N LEU B 8 -5.43 1.15 1.85
CA LEU B 8 -4.33 1.89 1.25
C LEU B 8 -4.84 3.29 0.98
N THR B 9 -4.13 4.30 1.48
CA THR B 9 -4.49 5.69 1.22
C THR B 9 -3.40 6.34 0.40
N LEU B 10 -3.80 6.94 -0.72
CA LEU B 10 -2.89 7.67 -1.60
C LEU B 10 -3.23 9.15 -1.50
N ALA B 11 -2.22 9.95 -1.19
CA ALA B 11 -2.37 11.40 -1.28
C ALA B 11 -2.38 11.81 -2.75
N VAL B 12 -3.33 12.68 -3.11
CA VAL B 12 -3.48 13.13 -4.49
C VAL B 12 -3.50 14.65 -4.52
N SER B 13 -2.96 15.20 -5.61
CA SER B 13 -2.93 16.65 -5.74
C SER B 13 -4.21 17.22 -6.33
N GLN B 14 -4.92 16.45 -7.14
CA GLN B 14 -6.17 16.90 -7.77
C GLN B 14 -7.13 15.73 -7.72
N LEU B 15 -8.26 15.91 -7.05
CA LEU B 15 -9.13 14.77 -6.79
C LEU B 15 -9.81 14.27 -8.07
N ALA B 16 -10.28 15.17 -8.93
CA ALA B 16 -11.05 14.72 -10.09
C ALA B 16 -10.23 13.83 -11.01
N PRO B 17 -9.01 14.19 -11.41
CA PRO B 17 -8.27 13.27 -12.28
C PRO B 17 -7.90 11.98 -11.60
N SER B 18 -7.67 11.99 -10.30
CA SER B 18 -7.36 10.74 -9.60
C SER B 18 -8.58 9.83 -9.56
N VAL B 19 -9.77 10.39 -9.30
CA VAL B 19 -10.97 9.57 -9.35
C VAL B 19 -11.18 9.02 -10.75
N ALA B 20 -10.97 9.85 -11.79
CA ALA B 20 -11.11 9.35 -13.15
C ALA B 20 -10.15 8.19 -13.40
N PHE B 21 -8.91 8.31 -12.93
CA PHE B 21 -7.90 7.28 -13.16
C PHE B 21 -8.29 5.98 -12.48
N TYR B 22 -8.61 6.02 -11.19
CA TYR B 22 -8.87 4.77 -10.47
C TYR B 22 -10.23 4.18 -10.81
N GLN B 23 -11.26 5.02 -10.95
CA GLN B 23 -12.60 4.52 -11.26
C GLN B 23 -12.74 4.19 -12.75
N GLN B 24 -12.55 5.18 -13.62
CA GLN B 24 -12.87 4.99 -15.02
C GLN B 24 -11.78 4.21 -15.75
N LEU B 25 -10.51 4.60 -15.62
CA LEU B 25 -9.47 3.89 -16.36
C LEU B 25 -9.20 2.53 -15.75
N LEU B 26 -9.01 2.46 -14.44
N LEU B 26 -9.03 2.46 -14.44
CA LEU B 26 -8.64 1.20 -13.82
CA LEU B 26 -8.65 1.20 -13.81
C LEU B 26 -9.85 0.32 -13.49
C LEU B 26 -9.84 0.34 -13.39
N GLY B 27 -11.05 0.88 -13.46
CA GLY B 27 -12.24 0.08 -13.23
C GLY B 27 -12.62 -0.18 -11.79
N MET B 28 -12.05 0.54 -10.84
CA MET B 28 -12.41 0.34 -9.44
C MET B 28 -13.77 0.92 -9.14
N THR B 29 -14.39 0.43 -8.08
CA THR B 29 -15.73 0.85 -7.70
C THR B 29 -15.66 2.05 -6.78
N LEU B 30 -16.35 3.14 -7.14
CA LEU B 30 -16.40 4.34 -6.32
C LEU B 30 -17.58 4.23 -5.37
N HIS B 31 -17.28 4.22 -4.07
CA HIS B 31 -18.33 4.12 -3.05
C HIS B 31 -18.76 5.45 -2.48
N ALA B 32 -17.84 6.41 -2.35
CA ALA B 32 -18.19 7.70 -1.78
C ALA B 32 -17.13 8.70 -2.18
N ARG B 33 -17.53 9.96 -2.23
CA ARG B 33 -16.63 11.06 -2.51
C ARG B 33 -17.06 12.24 -1.66
N TRP B 34 -16.09 12.99 -1.17
CA TRP B 34 -16.35 14.21 -0.41
C TRP B 34 -15.40 15.28 -0.92
N ASP B 35 -15.48 16.46 -0.32
CA ASP B 35 -14.73 17.59 -0.86
C ASP B 35 -13.24 17.32 -0.90
N SER B 36 -12.73 16.48 0.00
CA SER B 36 -11.29 16.25 0.08
C SER B 36 -10.90 14.78 -0.05
N GLY B 37 -11.75 13.92 -0.61
CA GLY B 37 -11.28 12.56 -0.83
C GLY B 37 -12.35 11.68 -1.44
N ALA B 38 -11.99 10.40 -1.56
CA ALA B 38 -12.91 9.40 -2.11
C ALA B 38 -12.55 8.02 -1.55
N TYR B 39 -13.55 7.15 -1.48
CA TYR B 39 -13.35 5.75 -1.13
C TYR B 39 -13.72 4.89 -2.33
N LEU B 40 -12.81 3.99 -2.71
CA LEU B 40 -13.04 3.04 -3.79
C LEU B 40 -12.71 1.65 -3.27
N SER B 41 -13.20 0.65 -3.98
CA SER B 41 -12.77 -0.71 -3.74
C SER B 41 -12.31 -1.38 -5.02
N CYS B 42 -11.43 -2.34 -4.84
CA CYS B 42 -10.87 -3.16 -5.92
C CYS B 42 -10.76 -4.56 -5.33
N GLY B 43 -11.71 -5.43 -5.62
CA GLY B 43 -11.75 -6.68 -4.87
C GLY B 43 -11.86 -6.38 -3.37
N ASP B 44 -11.02 -7.02 -2.58
N ASP B 44 -11.00 -7.03 -2.57
CA ASP B 44 -11.00 -6.78 -1.14
CA ASP B 44 -10.95 -6.81 -1.14
C ASP B 44 -10.10 -5.62 -0.73
C ASP B 44 -10.28 -5.50 -0.77
N LEU B 45 -9.57 -4.86 -1.69
CA LEU B 45 -8.84 -3.65 -1.36
C LEU B 45 -9.76 -2.46 -1.15
N TRP B 46 -9.62 -1.82 0.01
CA TRP B 46 -10.22 -0.52 0.29
C TRP B 46 -9.16 0.52 -0.03
N LEU B 47 -9.43 1.34 -1.04
CA LEU B 47 -8.56 2.41 -1.46
C LEU B 47 -9.17 3.75 -1.06
N CYS B 48 -8.38 4.59 -0.41
N CYS B 48 -8.36 4.60 -0.42
CA CYS B 48 -8.77 5.96 -0.13
CA CYS B 48 -8.74 5.97 -0.11
C CYS B 48 -7.88 6.91 -0.92
C CYS B 48 -7.87 6.89 -0.96
N LEU B 49 -8.51 7.85 -1.63
CA LEU B 49 -7.80 8.96 -2.25
C LEU B 49 -8.01 10.16 -1.35
N SER B 50 -6.92 10.78 -0.91
CA SER B 50 -6.99 11.90 0.02
C SER B 50 -6.36 13.13 -0.64
N LEU B 51 -7.18 14.15 -0.87
CA LEU B 51 -6.69 15.39 -1.45
C LEU B 51 -5.71 16.04 -0.47
N ASP B 52 -4.49 16.29 -0.93
CA ASP B 52 -3.44 16.75 -0.03
C ASP B 52 -2.59 17.78 -0.75
N PRO B 53 -2.64 19.05 -0.36
N PRO B 53 -2.64 19.06 -0.34
CA PRO B 53 -1.82 20.06 -1.07
CA PRO B 53 -1.73 20.06 -0.92
C PRO B 53 -0.33 19.79 -0.97
C PRO B 53 -0.26 19.73 -0.74
N GLN B 54 0.10 18.95 -0.04
N GLN B 54 0.08 18.80 0.13
CA GLN B 54 1.50 18.58 0.08
CA GLN B 54 1.47 18.37 0.26
C GLN B 54 1.92 17.51 -0.92
C GLN B 54 1.91 17.55 -0.95
N ARG B 55 0.98 16.90 -1.65
CA ARG B 55 1.37 15.92 -2.66
C ARG B 55 2.01 16.63 -3.85
N ARG B 56 3.22 16.22 -4.20
N ARG B 56 3.24 16.23 -4.18
CA ARG B 56 3.91 16.71 -5.38
CA ARG B 56 3.93 16.68 -5.37
C ARG B 56 3.76 15.69 -6.50
C ARG B 56 3.73 15.68 -6.49
N VAL B 57 3.55 16.19 -7.72
CA VAL B 57 3.56 15.32 -8.89
C VAL B 57 5.01 14.92 -9.10
N THR B 58 5.33 13.65 -8.84
CA THR B 58 6.71 13.26 -8.58
C THR B 58 7.25 12.40 -9.71
N PRO B 59 8.28 12.85 -10.42
CA PRO B 59 8.88 12.01 -11.46
C PRO B 59 9.39 10.71 -10.85
N PRO B 60 9.37 9.62 -11.63
CA PRO B 60 9.77 8.32 -11.04
C PRO B 60 11.23 8.26 -10.65
N GLU B 61 12.08 9.04 -11.32
CA GLU B 61 13.48 9.08 -10.94
C GLU B 61 13.67 9.70 -9.56
N GLU B 62 12.67 10.43 -9.05
CA GLU B 62 12.79 11.17 -7.81
C GLU B 62 12.07 10.52 -6.64
N SER B 63 11.47 9.36 -6.84
CA SER B 63 10.86 8.61 -5.76
C SER B 63 11.57 7.26 -5.63
N ASP B 64 11.47 6.68 -4.44
CA ASP B 64 12.06 5.38 -4.20
C ASP B 64 11.16 4.29 -4.76
N TYR B 65 11.54 3.04 -4.52
CA TYR B 65 10.93 1.86 -5.14
C TYR B 65 9.61 1.46 -4.50
N THR B 66 9.13 2.16 -3.47
CA THR B 66 7.86 1.83 -2.87
C THR B 66 6.77 1.81 -3.94
N HIS B 67 5.99 0.74 -3.97
CA HIS B 67 4.98 0.63 -5.03
C HIS B 67 3.86 -0.32 -4.62
N TYR B 68 2.77 -0.22 -5.39
CA TYR B 68 1.50 -0.89 -5.08
C TYR B 68 1.10 -1.70 -6.30
N ALA B 69 1.02 -3.02 -6.13
CA ALA B 69 0.70 -3.93 -7.22
C ALA B 69 -0.72 -4.45 -7.08
N PHE B 70 -1.46 -4.43 -8.18
CA PHE B 70 -2.82 -4.94 -8.26
C PHE B 70 -2.84 -6.28 -8.98
N SER B 71 -3.70 -7.17 -8.51
CA SER B 71 -3.83 -8.48 -9.15
C SER B 71 -4.70 -8.42 -10.39
N ILE B 72 -4.29 -9.19 -11.39
CA ILE B 72 -5.04 -9.37 -12.62
C ILE B 72 -4.72 -10.78 -13.11
N SER B 73 -5.66 -11.38 -13.84
CA SER B 73 -5.39 -12.70 -14.38
C SER B 73 -4.44 -12.60 -15.58
N GLU B 74 -3.73 -13.71 -15.83
CA GLU B 74 -2.89 -13.77 -17.02
C GLU B 74 -3.70 -13.48 -18.27
N ALA B 75 -4.91 -14.04 -18.33
CA ALA B 75 -5.73 -13.88 -19.53
C ALA B 75 -6.10 -12.43 -19.79
N ASP B 76 -6.24 -11.62 -18.74
CA ASP B 76 -6.67 -10.23 -18.90
C ASP B 76 -5.51 -9.25 -18.99
N PHE B 77 -4.28 -9.71 -18.67
CA PHE B 77 -3.15 -8.81 -18.50
C PHE B 77 -2.86 -7.97 -19.73
N ALA B 78 -2.74 -8.61 -20.90
CA ALA B 78 -2.25 -7.89 -22.08
C ALA B 78 -3.23 -6.81 -22.51
N SER B 79 -4.54 -7.10 -22.46
N SER B 79 -4.53 -7.13 -22.47
CA SER B 79 -5.49 -6.08 -22.88
CA SER B 79 -5.54 -6.14 -22.83
C SER B 79 -5.58 -4.94 -21.87
C SER B 79 -5.49 -4.94 -21.89
N PHE B 80 -5.32 -5.20 -20.59
CA PHE B 80 -5.33 -4.12 -19.62
C PHE B 80 -4.09 -3.24 -19.82
N ALA B 81 -2.93 -3.86 -20.03
CA ALA B 81 -1.74 -3.08 -20.35
C ALA B 81 -1.96 -2.24 -21.60
N ALA B 82 -2.61 -2.80 -22.61
CA ALA B 82 -2.86 -2.04 -23.83
C ALA B 82 -3.79 -0.87 -23.59
N ARG B 83 -4.77 -1.03 -22.70
CA ARG B 83 -5.67 0.06 -22.30
C ARG B 83 -4.87 1.20 -21.67
N LEU B 84 -3.98 0.87 -20.73
CA LEU B 84 -3.15 1.89 -20.11
C LEU B 84 -2.28 2.58 -21.15
N GLU B 85 -1.72 1.81 -22.09
N GLU B 85 -1.73 1.81 -22.09
CA GLU B 85 -0.89 2.41 -23.13
CA GLU B 85 -0.88 2.40 -23.12
C GLU B 85 -1.70 3.34 -24.00
C GLU B 85 -1.68 3.32 -24.04
N ALA B 86 -2.90 2.92 -24.40
CA ALA B 86 -3.74 3.79 -25.22
C ALA B 86 -4.02 5.10 -24.51
N ALA B 87 -4.23 5.05 -23.20
CA ALA B 87 -4.48 6.24 -22.40
C ALA B 87 -3.22 7.06 -22.16
N GLY B 88 -2.06 6.62 -22.65
CA GLY B 88 -0.84 7.38 -22.47
C GLY B 88 -0.24 7.29 -21.09
N VAL B 89 -0.56 6.26 -20.32
CA VAL B 89 -0.05 6.13 -18.97
C VAL B 89 1.42 5.74 -19.03
N ALA B 90 2.25 6.44 -18.28
CA ALA B 90 3.69 6.22 -18.34
C ALA B 90 4.10 4.94 -17.61
N VAL B 91 5.13 4.29 -18.14
CA VAL B 91 5.75 3.11 -17.55
C VAL B 91 7.03 3.52 -16.85
N TRP B 92 7.28 2.99 -15.66
CA TRP B 92 8.46 3.37 -14.89
C TRP B 92 9.52 2.27 -14.79
N LYS B 93 9.27 1.08 -15.32
CA LYS B 93 10.19 -0.05 -15.20
C LYS B 93 9.74 -1.13 -16.17
N LEU B 94 10.69 -1.89 -16.72
CA LEU B 94 10.38 -3.10 -17.49
C LEU B 94 10.40 -4.32 -16.58
N ASN B 95 9.57 -5.32 -16.91
CA ASN B 95 9.55 -6.56 -16.13
C ASN B 95 10.77 -7.43 -16.40
N ARG B 96 11.43 -7.87 -15.33
CA ARG B 96 12.54 -8.82 -15.40
C ARG B 96 12.44 -9.92 -14.35
N SER B 97 11.28 -10.12 -13.74
N SER B 97 11.27 -10.18 -13.80
CA SER B 97 11.07 -11.12 -12.69
CA SER B 97 11.09 -11.19 -12.76
C SER B 97 9.99 -12.11 -13.14
C SER B 97 9.85 -12.01 -13.05
N GLU B 98 9.68 -13.09 -12.29
CA GLU B 98 8.72 -14.11 -12.66
C GLU B 98 7.30 -13.58 -12.48
N GLY B 99 6.42 -14.02 -13.37
CA GLY B 99 5.07 -13.53 -13.39
C GLY B 99 4.99 -12.26 -14.19
N ALA B 100 3.96 -12.14 -15.00
CA ALA B 100 3.76 -10.92 -15.76
C ALA B 100 3.63 -9.73 -14.83
N SER B 101 4.28 -8.63 -15.20
CA SER B 101 4.17 -7.37 -14.47
C SER B 101 4.23 -6.22 -15.46
N HIS B 102 3.37 -5.22 -15.23
CA HIS B 102 3.34 -3.96 -15.97
C HIS B 102 3.47 -2.85 -14.94
N TYR B 103 4.49 -2.01 -15.07
CA TYR B 103 4.83 -1.00 -14.08
C TYR B 103 4.44 0.37 -14.60
N PHE B 104 3.45 0.99 -13.97
CA PHE B 104 2.86 2.22 -14.50
C PHE B 104 2.66 3.24 -13.39
N LEU B 105 2.52 4.50 -13.79
CA LEU B 105 2.44 5.63 -12.87
C LEU B 105 1.03 6.19 -12.82
N ASP B 106 0.58 6.60 -11.64
CA ASP B 106 -0.69 7.32 -11.50
C ASP B 106 -0.43 8.80 -11.78
N PRO B 107 -1.48 9.61 -11.80
CA PRO B 107 -1.33 11.04 -12.19
C PRO B 107 -0.36 11.82 -11.33
N ASP B 108 -0.15 11.42 -10.08
CA ASP B 108 0.77 12.09 -9.17
C ASP B 108 2.12 11.41 -9.09
N GLY B 109 2.33 10.37 -9.88
CA GLY B 109 3.56 9.64 -9.85
C GLY B 109 3.61 8.52 -8.84
N HIS B 110 2.49 8.14 -8.22
CA HIS B 110 2.51 6.93 -7.42
C HIS B 110 2.88 5.76 -8.31
N LYS B 111 3.79 4.92 -7.84
CA LYS B 111 4.27 3.78 -8.58
C LYS B 111 3.32 2.60 -8.40
N LEU B 112 2.72 2.17 -9.50
CA LEU B 112 1.76 1.08 -9.54
C LEU B 112 2.30 -0.06 -10.38
N GLU B 113 1.64 -1.22 -10.26
CA GLU B 113 2.03 -2.41 -10.99
C GLU B 113 0.78 -3.26 -11.18
N LEU B 114 0.68 -3.87 -12.36
CA LEU B 114 -0.20 -5.02 -12.56
C LEU B 114 0.68 -6.26 -12.41
N HIS B 115 0.28 -7.21 -11.58
CA HIS B 115 1.06 -8.43 -11.45
C HIS B 115 0.16 -9.66 -11.46
N VAL B 116 0.64 -10.70 -12.14
CA VAL B 116 0.03 -12.01 -12.18
C VAL B 116 0.88 -12.93 -11.33
N GLY B 117 0.32 -13.45 -10.25
CA GLY B 117 1.00 -14.44 -9.45
C GLY B 117 1.00 -14.11 -7.98
N SER B 118 0.97 -15.15 -7.16
CA SER B 118 0.86 -15.04 -5.71
C SER B 118 2.23 -15.08 -5.05
N LEU B 119 2.22 -14.81 -3.74
CA LEU B 119 3.42 -15.03 -2.93
C LEU B 119 3.87 -16.49 -3.00
N ALA B 120 2.93 -17.43 -2.92
CA ALA B 120 3.32 -18.84 -2.99
C ALA B 120 4.04 -19.16 -4.30
N GLN B 121 3.55 -18.60 -5.41
CA GLN B 121 4.21 -18.82 -6.69
C GLN B 121 5.61 -18.23 -6.69
N ARG B 122 5.76 -17.02 -6.14
CA ARG B 122 7.08 -16.39 -6.08
C ARG B 122 8.03 -17.20 -5.21
N LEU B 123 7.56 -17.67 -4.06
CA LEU B 123 8.42 -18.46 -3.18
C LEU B 123 8.84 -19.76 -3.86
N ALA B 124 7.92 -20.41 -4.58
CA ALA B 124 8.28 -21.64 -5.27
C ALA B 124 9.37 -21.38 -6.29
N ALA B 125 9.27 -20.30 -7.06
CA ALA B 125 10.29 -19.97 -8.03
C ALA B 125 11.61 -19.64 -7.35
N CYS B 126 11.56 -18.92 -6.22
CA CYS B 126 12.78 -18.58 -5.49
C CYS B 126 13.45 -19.80 -4.90
N ARG B 127 12.66 -20.78 -4.44
N ARG B 127 12.66 -20.78 -4.44
CA ARG B 127 13.27 -22.00 -3.91
CA ARG B 127 13.28 -22.00 -3.92
C ARG B 127 14.08 -22.72 -4.97
C ARG B 127 14.11 -22.69 -4.99
N GLU B 128 13.64 -22.66 -6.23
CA GLU B 128 14.37 -23.31 -7.32
C GLU B 128 15.56 -22.49 -7.78
N GLN B 129 15.50 -21.17 -7.65
CA GLN B 129 16.55 -20.26 -8.11
C GLN B 129 16.67 -19.14 -7.11
N PRO B 130 17.31 -19.38 -5.98
CA PRO B 130 17.29 -18.38 -4.90
C PRO B 130 18.09 -17.13 -5.23
N TYR B 131 17.56 -16.00 -4.78
CA TYR B 131 18.29 -14.74 -4.86
C TYR B 131 19.56 -14.83 -4.01
N LYS B 132 20.49 -13.92 -4.29
CA LYS B 132 21.75 -13.90 -3.55
C LYS B 132 21.49 -13.69 -2.06
N GLY B 133 22.01 -14.61 -1.25
CA GLY B 133 21.85 -14.53 0.18
C GLY B 133 20.51 -15.01 0.71
N MET B 134 19.73 -15.72 -0.10
CA MET B 134 18.36 -16.02 0.30
C MET B 134 18.29 -17.16 1.29
N VAL B 135 17.48 -16.93 2.33
N VAL B 135 17.49 -16.96 2.33
CA VAL B 135 17.16 -17.88 3.38
CA VAL B 135 17.18 -18.00 3.29
C VAL B 135 15.63 -17.95 3.46
C VAL B 135 15.67 -17.96 3.56
N PHE B 136 15.10 -19.14 3.70
CA PHE B 136 13.67 -19.37 3.85
C PHE B 136 13.36 -19.72 5.29
N PHE B 137 12.14 -19.40 5.72
CA PHE B 137 11.71 -19.64 7.09
C PHE B 137 10.41 -20.41 7.11
#